data_2QK2
#
_entry.id   2QK2
#
_cell.length_a   91.370
_cell.length_b   113.414
_cell.length_c   78.556
_cell.angle_alpha   90.000
_cell.angle_beta   90.000
_cell.angle_gamma   90.000
#
_symmetry.space_group_name_H-M   'C 2 2 21'
#
loop_
_entity.id
_entity.type
_entity.pdbx_description
1 polymer LP04448p
2 water water
#
_entity_poly.entity_id   1
_entity_poly.type   'polypeptide(L)'
_entity_poly.pdbx_seq_one_letter_code
;GSH(MSE)DLLDPVDILSK(MSE)PKDFYDKLEEKKWTLRKESLEVLEKLLTDHPKLENGEYGALVSALKKVITKDSNVV
LVA(MSE)AGKCLALLAKGLAKRFSNYASACVPSLLEKFKEKKPNVVTALREAIDAIYASTSLEAQQESIVESLSNKNPS
VKSETALFIARALTRTQPTALNKKLLKLLTTSLVKTLNEPDPTVRDSSAEALGTLIKL(MSE)GDKAVTPLLADVDPLK
(MSE)AKIKECQEKAEIKIKVAG
;
_entity_poly.pdbx_strand_id   A
#
# COMPACT_ATOMS: atom_id res chain seq x y z
N GLY A 1 -20.90 -6.68 -24.84
CA GLY A 1 -22.22 -6.28 -24.26
C GLY A 1 -22.11 -5.94 -22.79
N SER A 2 -22.65 -6.81 -21.93
CA SER A 2 -22.60 -6.61 -20.49
C SER A 2 -21.15 -6.42 -20.03
N HIS A 3 -20.29 -7.37 -20.40
CA HIS A 3 -18.88 -7.32 -20.02
C HIS A 3 -18.16 -6.10 -20.59
N ASP A 5 -19.51 -3.25 -21.03
CA ASP A 5 -19.99 -2.10 -20.28
C ASP A 5 -19.12 -1.86 -19.05
N LEU A 6 -18.48 -2.92 -18.57
CA LEU A 6 -17.59 -2.82 -17.41
C LEU A 6 -16.41 -1.92 -17.76
N LEU A 7 -16.18 -1.73 -19.06
CA LEU A 7 -15.08 -0.90 -19.54
C LEU A 7 -15.55 0.53 -19.78
N ASP A 8 -16.81 0.78 -19.46
CA ASP A 8 -17.40 2.09 -19.66
C ASP A 8 -17.24 2.96 -18.40
N PRO A 9 -16.41 4.02 -18.49
CA PRO A 9 -16.17 4.93 -17.36
C PRO A 9 -17.45 5.52 -16.79
N VAL A 10 -17.67 5.32 -15.49
CA VAL A 10 -18.86 5.82 -14.84
C VAL A 10 -18.56 7.04 -13.95
N ASP A 11 -19.47 7.99 -13.96
CA ASP A 11 -19.34 9.21 -13.17
C ASP A 11 -19.97 8.95 -11.81
N ILE A 12 -19.22 8.36 -10.88
CA ILE A 12 -19.75 8.08 -9.56
C ILE A 12 -19.82 9.32 -8.68
N LEU A 13 -19.02 10.33 -9.02
CA LEU A 13 -19.03 11.55 -8.21
C LEU A 13 -20.41 12.19 -8.22
N SER A 14 -21.09 12.13 -9.37
CA SER A 14 -22.42 12.73 -9.47
C SER A 14 -23.50 11.81 -8.92
N LYS A 15 -23.13 10.58 -8.57
CA LYS A 15 -24.09 9.62 -8.04
C LYS A 15 -24.11 9.52 -6.53
N PRO A 17 -24.63 10.43 -2.58
CA PRO A 17 -25.70 11.14 -1.88
C PRO A 17 -25.31 12.58 -1.57
N LYS A 18 -26.29 13.48 -1.65
CA LYS A 18 -26.04 14.89 -1.41
C LYS A 18 -25.58 15.17 0.02
N ASP A 19 -25.68 14.18 0.90
CA ASP A 19 -25.24 14.37 2.28
C ASP A 19 -24.04 13.47 2.62
N PHE A 20 -23.40 12.95 1.60
CA PHE A 20 -22.25 12.08 1.78
C PHE A 20 -21.22 12.68 2.76
N TYR A 21 -20.76 13.89 2.46
CA TYR A 21 -19.76 14.52 3.32
C TYR A 21 -20.28 14.96 4.69
N ASP A 22 -21.49 15.50 4.75
CA ASP A 22 -22.04 15.92 6.03
C ASP A 22 -22.16 14.73 6.99
N LYS A 23 -22.67 13.61 6.51
CA LYS A 23 -22.82 12.44 7.37
C LYS A 23 -21.49 11.94 7.93
N LEU A 24 -20.43 12.03 7.13
CA LEU A 24 -19.11 11.59 7.58
C LEU A 24 -18.62 12.41 8.77
N GLU A 25 -19.24 13.58 8.98
CA GLU A 25 -18.88 14.43 10.10
C GLU A 25 -19.73 14.17 11.35
N GLU A 26 -20.71 13.28 11.24
CA GLU A 26 -21.58 12.96 12.37
C GLU A 26 -20.83 12.21 13.47
N LYS A 27 -21.26 12.41 14.71
CA LYS A 27 -20.63 11.74 15.84
C LYS A 27 -21.05 10.28 15.95
N LYS A 28 -22.27 9.99 15.52
CA LYS A 28 -22.79 8.62 15.59
C LYS A 28 -22.17 7.80 14.46
N TRP A 29 -21.38 6.80 14.81
CA TRP A 29 -20.71 5.96 13.83
C TRP A 29 -21.62 5.34 12.77
N THR A 30 -22.86 5.03 13.14
CA THR A 30 -23.78 4.43 12.18
C THR A 30 -24.16 5.40 11.07
N LEU A 31 -24.03 6.69 11.33
CA LEU A 31 -24.35 7.67 10.30
C LEU A 31 -23.15 7.77 9.36
N ARG A 32 -21.94 7.71 9.92
CA ARG A 32 -20.74 7.77 9.09
C ARG A 32 -20.74 6.51 8.22
N LYS A 33 -21.12 5.38 8.82
CA LYS A 33 -21.19 4.11 8.09
C LYS A 33 -22.09 4.21 6.86
N GLU A 34 -23.21 4.92 6.99
CA GLU A 34 -24.13 5.06 5.88
C GLU A 34 -23.50 5.68 4.62
N SER A 35 -22.66 6.69 4.79
CA SER A 35 -22.00 7.30 3.64
C SER A 35 -21.03 6.30 3.00
N LEU A 36 -20.21 5.65 3.81
CA LEU A 36 -19.24 4.68 3.29
C LEU A 36 -19.92 3.48 2.62
N GLU A 37 -21.05 3.04 3.17
CA GLU A 37 -21.80 1.92 2.59
C GLU A 37 -22.21 2.22 1.16
N VAL A 38 -22.83 3.38 0.99
CA VAL A 38 -23.29 3.80 -0.33
C VAL A 38 -22.11 3.91 -1.29
N LEU A 39 -21.01 4.50 -0.83
CA LEU A 39 -19.83 4.66 -1.67
C LEU A 39 -19.26 3.30 -2.05
N GLU A 40 -19.11 2.42 -1.06
CA GLU A 40 -18.54 1.11 -1.35
C GLU A 40 -19.36 0.38 -2.41
N LYS A 41 -20.67 0.55 -2.39
CA LYS A 41 -21.53 -0.10 -3.39
C LYS A 41 -21.34 0.51 -4.76
N LEU A 42 -21.23 1.84 -4.81
CA LEU A 42 -21.00 2.53 -6.08
C LEU A 42 -19.70 2.04 -6.70
N LEU A 43 -18.65 1.93 -5.87
CA LEU A 43 -17.34 1.49 -6.34
C LEU A 43 -17.33 0.03 -6.81
N THR A 44 -18.12 -0.81 -6.17
CA THR A 44 -18.17 -2.22 -6.58
C THR A 44 -19.04 -2.37 -7.83
N ASP A 45 -20.06 -1.53 -7.97
CA ASP A 45 -20.93 -1.62 -9.15
C ASP A 45 -20.29 -1.03 -10.42
N HIS A 46 -19.34 -0.13 -10.26
CA HIS A 46 -18.70 0.51 -11.40
C HIS A 46 -17.18 0.45 -11.31
N PRO A 47 -16.58 -0.68 -11.72
CA PRO A 47 -15.13 -0.89 -11.70
C PRO A 47 -14.31 0.09 -12.53
N LYS A 48 -14.94 0.74 -13.50
CA LYS A 48 -14.25 1.70 -14.34
C LYS A 48 -14.75 3.10 -14.00
N LEU A 49 -13.87 3.95 -13.52
CA LEU A 49 -14.24 5.30 -13.12
C LEU A 49 -13.84 6.39 -14.09
N GLU A 50 -14.77 7.33 -14.29
CA GLU A 50 -14.55 8.47 -15.17
C GLU A 50 -13.59 9.47 -14.53
N ASN A 51 -12.93 10.27 -15.35
CA ASN A 51 -12.00 11.28 -14.83
C ASN A 51 -12.82 12.28 -14.02
N GLY A 52 -12.17 12.96 -13.08
CA GLY A 52 -12.89 13.92 -12.26
C GLY A 52 -12.07 14.46 -11.11
N GLU A 53 -12.68 15.29 -10.28
CA GLU A 53 -11.99 15.87 -9.13
C GLU A 53 -12.24 14.99 -7.91
N TYR A 54 -11.36 14.02 -7.68
CA TYR A 54 -11.52 13.11 -6.55
C TYR A 54 -10.82 13.57 -5.27
N GLY A 55 -10.15 14.71 -5.34
CA GLY A 55 -9.45 15.22 -4.18
C GLY A 55 -10.26 15.24 -2.87
N ALA A 56 -11.48 15.77 -2.93
CA ALA A 56 -12.32 15.85 -1.73
C ALA A 56 -12.64 14.48 -1.19
N LEU A 57 -12.93 13.54 -2.09
CA LEU A 57 -13.26 12.18 -1.66
C LEU A 57 -12.05 11.50 -1.01
N VAL A 58 -10.87 11.63 -1.64
CA VAL A 58 -9.66 11.03 -1.09
C VAL A 58 -9.37 11.60 0.31
N SER A 59 -9.51 12.92 0.45
CA SER A 59 -9.27 13.56 1.73
C SER A 59 -10.25 13.03 2.80
N ALA A 60 -11.52 12.88 2.41
CA ALA A 60 -12.53 12.38 3.34
C ALA A 60 -12.19 10.96 3.80
N LEU A 61 -11.79 10.11 2.86
CA LEU A 61 -11.43 8.74 3.20
C LEU A 61 -10.19 8.71 4.09
N LYS A 62 -9.19 9.53 3.77
CA LYS A 62 -7.97 9.56 4.57
C LYS A 62 -8.29 9.99 6.01
N LYS A 63 -9.20 10.95 6.15
CA LYS A 63 -9.58 11.42 7.47
C LYS A 63 -10.16 10.28 8.30
N VAL A 64 -11.04 9.49 7.69
CA VAL A 64 -11.65 8.36 8.39
C VAL A 64 -10.55 7.37 8.77
N ILE A 65 -9.72 7.02 7.79
CA ILE A 65 -8.65 6.05 8.03
C ILE A 65 -7.71 6.46 9.15
N THR A 66 -7.27 7.70 9.13
CA THR A 66 -6.32 8.16 10.14
C THR A 66 -6.90 8.65 11.46
N LYS A 67 -8.11 9.18 11.46
CA LYS A 67 -8.69 9.72 12.69
C LYS A 67 -9.92 9.04 13.30
N ASP A 68 -10.60 8.16 12.57
CA ASP A 68 -11.78 7.53 13.14
C ASP A 68 -11.44 6.53 14.25
N SER A 69 -12.14 6.63 15.37
CA SER A 69 -11.89 5.73 16.49
C SER A 69 -12.54 4.36 16.28
N ASN A 70 -13.45 4.29 15.33
CA ASN A 70 -14.17 3.05 15.03
C ASN A 70 -13.42 2.23 13.96
N VAL A 71 -12.87 1.07 14.35
CA VAL A 71 -12.13 0.24 13.41
C VAL A 71 -12.95 -0.31 12.25
N VAL A 72 -14.25 -0.42 12.43
CA VAL A 72 -15.10 -0.92 11.35
C VAL A 72 -15.13 0.14 10.23
N LEU A 73 -15.16 1.41 10.63
CA LEU A 73 -15.17 2.52 9.68
C LEU A 73 -13.81 2.66 9.02
N VAL A 74 -12.74 2.44 9.77
CA VAL A 74 -11.40 2.51 9.23
C VAL A 74 -11.25 1.48 8.11
N ALA A 75 -11.68 0.25 8.38
CA ALA A 75 -11.61 -0.83 7.38
C ALA A 75 -12.44 -0.50 6.14
N ALA A 77 -13.32 2.46 5.05
CA ALA A 77 -12.68 3.57 4.36
C ALA A 77 -11.44 3.09 3.59
N GLY A 78 -10.71 2.13 4.18
CA GLY A 78 -9.55 1.58 3.52
C GLY A 78 -9.97 0.84 2.26
N LYS A 79 -11.02 0.04 2.38
CA LYS A 79 -11.54 -0.73 1.24
C LYS A 79 -11.97 0.23 0.13
N CYS A 80 -12.76 1.24 0.48
CA CYS A 80 -13.22 2.22 -0.51
C CYS A 80 -12.04 2.89 -1.22
N LEU A 81 -10.99 3.21 -0.47
CA LEU A 81 -9.82 3.87 -1.05
C LEU A 81 -9.14 2.93 -2.05
N ALA A 82 -9.08 1.65 -1.70
CA ALA A 82 -8.48 0.65 -2.57
C ALA A 82 -9.27 0.54 -3.88
N LEU A 83 -10.60 0.46 -3.78
CA LEU A 83 -11.43 0.35 -4.97
C LEU A 83 -11.34 1.61 -5.82
N LEU A 84 -11.22 2.76 -5.16
CA LEU A 84 -11.12 4.03 -5.86
C LEU A 84 -9.79 4.05 -6.65
N ALA A 85 -8.71 3.65 -5.99
CA ALA A 85 -7.40 3.65 -6.63
C ALA A 85 -7.39 2.66 -7.80
N LYS A 86 -8.07 1.53 -7.65
CA LYS A 86 -8.13 0.53 -8.72
C LYS A 86 -8.98 0.99 -9.90
N GLY A 87 -10.09 1.67 -9.60
CA GLY A 87 -10.97 2.14 -10.66
C GLY A 87 -10.42 3.28 -11.48
N LEU A 88 -9.43 3.97 -10.93
CA LEU A 88 -8.80 5.12 -11.59
C LEU A 88 -7.45 4.73 -12.19
N ALA A 89 -6.89 3.62 -11.72
CA ALA A 89 -5.59 3.15 -12.19
C ALA A 89 -4.59 4.31 -12.15
N LYS A 90 -3.91 4.57 -13.26
CA LYS A 90 -2.93 5.65 -13.31
C LYS A 90 -3.53 7.03 -13.06
N ARG A 91 -4.84 7.16 -13.26
CA ARG A 91 -5.51 8.44 -13.03
C ARG A 91 -5.47 8.81 -11.54
N PHE A 92 -5.01 7.88 -10.70
CA PHE A 92 -4.94 8.14 -9.27
C PHE A 92 -3.59 8.72 -8.84
N SER A 93 -2.61 8.69 -9.76
CA SER A 93 -1.26 9.16 -9.47
C SER A 93 -1.13 10.46 -8.68
N ASN A 94 -1.93 11.46 -9.01
CA ASN A 94 -1.83 12.73 -8.30
C ASN A 94 -2.21 12.72 -6.83
N TYR A 95 -2.94 11.69 -6.39
CA TYR A 95 -3.36 11.59 -4.99
C TYR A 95 -2.46 10.65 -4.19
N ALA A 96 -1.71 9.81 -4.89
CA ALA A 96 -0.84 8.81 -4.28
C ALA A 96 0.12 9.25 -3.17
N SER A 97 0.99 10.22 -3.46
CA SER A 97 1.96 10.68 -2.47
C SER A 97 1.42 11.09 -1.10
N ALA A 98 0.26 11.72 -1.06
CA ALA A 98 -0.31 12.14 0.21
C ALA A 98 -0.94 10.95 0.96
N CYS A 99 -1.36 9.92 0.22
CA CYS A 99 -1.96 8.75 0.84
C CYS A 99 -0.97 7.79 1.47
N VAL A 100 0.14 7.52 0.78
CA VAL A 100 1.13 6.55 1.25
C VAL A 100 1.58 6.70 2.72
N PRO A 101 2.08 7.88 3.10
CA PRO A 101 2.53 8.08 4.49
C PRO A 101 1.43 7.79 5.53
N SER A 102 0.21 8.26 5.25
CA SER A 102 -0.91 8.07 6.17
C SER A 102 -1.26 6.60 6.33
N LEU A 103 -1.30 5.87 5.21
CA LEU A 103 -1.62 4.46 5.26
C LEU A 103 -0.56 3.67 6.04
N LEU A 104 0.72 3.93 5.75
CA LEU A 104 1.81 3.22 6.44
C LEU A 104 1.74 3.41 7.95
N GLU A 105 1.56 4.66 8.39
CA GLU A 105 1.48 4.95 9.81
C GLU A 105 0.30 4.27 10.49
N LYS A 106 -0.77 4.04 9.73
CA LYS A 106 -1.95 3.41 10.28
C LYS A 106 -1.73 1.92 10.56
N PHE A 107 -0.60 1.39 10.09
CA PHE A 107 -0.30 -0.02 10.34
C PHE A 107 0.02 -0.26 11.81
N LYS A 108 -0.13 0.77 12.64
CA LYS A 108 0.10 0.62 14.07
C LYS A 108 -1.11 -0.16 14.59
N GLU A 109 -2.21 -0.09 13.84
CA GLU A 109 -3.43 -0.80 14.18
C GLU A 109 -3.24 -2.26 13.78
N LYS A 110 -3.42 -3.18 14.71
CA LYS A 110 -3.21 -4.59 14.42
C LYS A 110 -4.44 -5.44 14.12
N LYS A 111 -5.64 -4.90 14.31
CA LYS A 111 -6.83 -5.69 14.01
C LYS A 111 -6.68 -6.18 12.57
N PRO A 112 -6.65 -7.50 12.36
CA PRO A 112 -6.50 -8.10 11.03
C PRO A 112 -7.41 -7.58 9.92
N ASN A 113 -8.65 -7.26 10.23
CA ASN A 113 -9.56 -6.75 9.21
C ASN A 113 -9.13 -5.39 8.69
N VAL A 114 -8.58 -4.56 9.58
CA VAL A 114 -8.09 -3.26 9.20
C VAL A 114 -6.81 -3.45 8.40
N VAL A 115 -5.94 -4.34 8.86
CA VAL A 115 -4.68 -4.60 8.18
C VAL A 115 -4.93 -5.04 6.73
N THR A 116 -5.86 -5.94 6.53
CA THR A 116 -6.19 -6.41 5.18
C THR A 116 -6.63 -5.24 4.28
N ALA A 117 -7.52 -4.40 4.80
CA ALA A 117 -8.01 -3.25 4.04
C ALA A 117 -6.89 -2.26 3.75
N LEU A 118 -6.02 -2.02 4.72
CA LEU A 118 -4.91 -1.10 4.53
C LEU A 118 -3.96 -1.63 3.45
N ARG A 119 -3.67 -2.93 3.50
CA ARG A 119 -2.78 -3.52 2.49
C ARG A 119 -3.39 -3.36 1.11
N GLU A 120 -4.67 -3.68 0.97
CA GLU A 120 -5.34 -3.54 -0.30
C GLU A 120 -5.25 -2.11 -0.82
N ALA A 121 -5.47 -1.15 0.07
CA ALA A 121 -5.43 0.25 -0.29
C ALA A 121 -4.04 0.68 -0.74
N ILE A 122 -3.02 0.44 0.09
CA ILE A 122 -1.70 0.87 -0.30
C ILE A 122 -1.18 0.14 -1.54
N ASP A 123 -1.59 -1.11 -1.72
CA ASP A 123 -1.18 -1.88 -2.89
C ASP A 123 -1.79 -1.30 -4.18
N ALA A 124 -3.09 -0.99 -4.13
CA ALA A 124 -3.77 -0.43 -5.29
C ALA A 124 -3.18 0.94 -5.61
N ILE A 125 -2.84 1.69 -4.59
CA ILE A 125 -2.26 3.02 -4.78
C ILE A 125 -0.87 2.93 -5.38
N TYR A 126 -0.10 1.93 -4.96
CA TYR A 126 1.26 1.75 -5.48
C TYR A 126 1.25 1.62 -7.00
N ALA A 127 0.26 0.91 -7.53
CA ALA A 127 0.11 0.69 -8.96
C ALA A 127 0.08 1.99 -9.77
N SER A 128 -0.31 3.09 -9.12
CA SER A 128 -0.41 4.39 -9.79
C SER A 128 0.85 5.23 -9.60
N THR A 129 1.81 4.73 -8.84
CA THR A 129 3.02 5.49 -8.59
C THR A 129 4.25 4.58 -8.68
N SER A 130 5.31 4.86 -7.92
CA SER A 130 6.51 4.02 -7.97
C SER A 130 7.34 4.12 -6.70
N LEU A 131 8.26 3.18 -6.51
CA LEU A 131 9.11 3.21 -5.32
C LEU A 131 9.99 4.44 -5.36
N GLU A 132 10.43 4.83 -6.55
CA GLU A 132 11.27 6.01 -6.72
C GLU A 132 10.53 7.23 -6.17
N ALA A 133 9.26 7.37 -6.55
CA ALA A 133 8.46 8.51 -6.10
C ALA A 133 8.12 8.47 -4.62
N GLN A 134 7.95 7.27 -4.07
CA GLN A 134 7.59 7.12 -2.66
C GLN A 134 8.71 6.73 -1.71
N GLN A 135 9.95 6.70 -2.19
CA GLN A 135 11.07 6.28 -1.36
C GLN A 135 11.22 6.95 0.00
N GLU A 136 11.07 8.28 0.05
CA GLU A 136 11.22 8.97 1.33
C GLU A 136 10.22 8.49 2.38
N SER A 137 8.95 8.40 1.99
CA SER A 137 7.91 7.94 2.91
C SER A 137 8.18 6.51 3.34
N ILE A 138 8.50 5.65 2.38
CA ILE A 138 8.78 4.24 2.64
C ILE A 138 9.94 4.08 3.61
N VAL A 139 11.08 4.70 3.29
CA VAL A 139 12.27 4.60 4.13
C VAL A 139 12.00 5.18 5.52
N GLU A 140 11.31 6.31 5.58
CA GLU A 140 10.99 6.93 6.86
C GLU A 140 10.15 5.99 7.70
N SER A 141 9.22 5.29 7.05
CA SER A 141 8.34 4.36 7.75
C SER A 141 9.09 3.16 8.32
N LEU A 142 10.15 2.71 7.64
CA LEU A 142 10.94 1.58 8.12
C LEU A 142 11.65 1.97 9.43
N SER A 143 11.66 3.26 9.73
CA SER A 143 12.28 3.77 10.95
C SER A 143 11.23 4.03 12.04
N ASN A 144 9.96 3.85 11.71
CA ASN A 144 8.89 4.08 12.68
C ASN A 144 9.23 3.24 13.91
N LYS A 145 8.98 3.77 15.10
CA LYS A 145 9.29 3.05 16.33
C LYS A 145 8.38 1.85 16.55
N ASN A 146 7.21 1.87 15.91
CA ASN A 146 6.25 0.80 16.06
C ASN A 146 6.61 -0.45 15.23
N PRO A 147 6.83 -1.59 15.89
CA PRO A 147 7.20 -2.84 15.22
C PRO A 147 6.20 -3.23 14.12
N SER A 148 4.91 -3.04 14.39
CA SER A 148 3.87 -3.37 13.42
C SER A 148 4.03 -2.59 12.13
N VAL A 149 4.37 -1.30 12.26
CA VAL A 149 4.55 -0.46 11.08
C VAL A 149 5.78 -0.91 10.30
N LYS A 150 6.88 -1.18 11.00
CA LYS A 150 8.10 -1.63 10.33
C LYS A 150 7.83 -2.90 9.53
N SER A 151 7.16 -3.85 10.16
CA SER A 151 6.86 -5.12 9.50
C SER A 151 5.98 -4.94 8.28
N GLU A 152 4.85 -4.25 8.43
CA GLU A 152 3.93 -4.05 7.32
C GLU A 152 4.56 -3.20 6.21
N THR A 153 5.50 -2.33 6.58
CA THR A 153 6.16 -1.51 5.58
C THR A 153 7.05 -2.44 4.74
N ALA A 154 7.77 -3.34 5.42
CA ALA A 154 8.65 -4.27 4.71
C ALA A 154 7.83 -5.21 3.84
N LEU A 155 6.68 -5.65 4.33
CA LEU A 155 5.82 -6.54 3.55
C LEU A 155 5.24 -5.79 2.35
N PHE A 156 4.96 -4.50 2.55
CA PHE A 156 4.43 -3.67 1.46
C PHE A 156 5.48 -3.65 0.33
N ILE A 157 6.75 -3.46 0.72
CA ILE A 157 7.83 -3.43 -0.26
C ILE A 157 7.93 -4.76 -1.00
N ALA A 158 7.77 -5.87 -0.28
CA ALA A 158 7.84 -7.19 -0.89
C ALA A 158 6.75 -7.36 -1.95
N ARG A 159 5.50 -7.06 -1.58
CA ARG A 159 4.40 -7.18 -2.53
C ARG A 159 4.60 -6.22 -3.69
N ALA A 160 5.04 -5.00 -3.40
CA ALA A 160 5.27 -4.00 -4.44
C ALA A 160 6.31 -4.49 -5.47
N LEU A 161 7.41 -5.04 -4.97
CA LEU A 161 8.49 -5.51 -5.83
C LEU A 161 8.04 -6.59 -6.83
N THR A 162 7.07 -7.41 -6.45
CA THR A 162 6.59 -8.45 -7.35
C THR A 162 5.87 -7.84 -8.56
N ARG A 163 5.58 -6.54 -8.49
CA ARG A 163 4.90 -5.86 -9.58
C ARG A 163 5.69 -4.64 -10.03
N THR A 164 7.00 -4.73 -9.96
CA THR A 164 7.85 -3.62 -10.34
C THR A 164 8.82 -3.99 -11.47
N GLN A 165 9.04 -3.06 -12.39
CA GLN A 165 9.96 -3.28 -13.49
C GLN A 165 11.38 -3.14 -12.95
N PRO A 166 12.29 -4.06 -13.32
CA PRO A 166 13.66 -3.95 -12.83
C PRO A 166 14.27 -2.59 -13.14
N THR A 167 13.91 -2.03 -14.29
CA THR A 167 14.44 -0.72 -14.68
C THR A 167 13.91 0.44 -13.84
N ALA A 168 12.98 0.15 -12.93
CA ALA A 168 12.41 1.18 -12.07
C ALA A 168 13.33 1.49 -10.88
N LEU A 169 14.36 0.67 -10.69
CA LEU A 169 15.30 0.88 -9.60
C LEU A 169 16.73 1.15 -10.05
N ASN A 170 17.24 2.35 -9.75
CA ASN A 170 18.62 2.64 -10.12
C ASN A 170 19.50 2.22 -8.96
N LYS A 171 20.81 2.36 -9.12
CA LYS A 171 21.77 1.98 -8.09
C LYS A 171 21.48 2.64 -6.73
N LYS A 172 21.28 3.95 -6.73
CA LYS A 172 21.00 4.65 -5.48
C LYS A 172 19.80 4.10 -4.73
N LEU A 173 18.67 3.93 -5.42
CA LEU A 173 17.46 3.42 -4.78
C LEU A 173 17.66 2.00 -4.26
N LEU A 174 18.35 1.18 -5.04
CA LEU A 174 18.62 -0.21 -4.64
C LEU A 174 19.41 -0.21 -3.35
N LYS A 175 20.46 0.60 -3.28
CA LYS A 175 21.28 0.68 -2.08
C LYS A 175 20.50 1.21 -0.88
N LEU A 176 19.71 2.25 -1.10
CA LEU A 176 18.91 2.85 -0.03
C LEU A 176 17.91 1.85 0.53
N LEU A 177 17.22 1.15 -0.36
CA LEU A 177 16.23 0.16 0.05
C LEU A 177 16.89 -1.00 0.80
N THR A 178 17.96 -1.54 0.24
CA THR A 178 18.66 -2.66 0.87
C THR A 178 19.20 -2.27 2.25
N THR A 179 19.88 -1.13 2.31
CA THR A 179 20.43 -0.64 3.57
C THR A 179 19.35 -0.52 4.64
N SER A 180 18.23 0.09 4.27
CA SER A 180 17.13 0.28 5.20
C SER A 180 16.53 -1.05 5.68
N LEU A 181 16.35 -1.98 4.75
CA LEU A 181 15.80 -3.28 5.08
C LEU A 181 16.75 -4.16 5.89
N VAL A 182 18.06 -4.04 5.65
CA VAL A 182 19.02 -4.83 6.41
C VAL A 182 18.98 -4.35 7.85
N LYS A 183 18.72 -3.06 8.02
CA LYS A 183 18.64 -2.47 9.35
C LYS A 183 17.46 -3.10 10.12
N THR A 184 16.29 -3.18 9.51
CA THR A 184 15.15 -3.77 10.19
C THR A 184 15.33 -5.29 10.29
N LEU A 185 16.12 -5.86 9.39
CA LEU A 185 16.37 -7.29 9.39
C LEU A 185 17.11 -7.66 10.68
N ASN A 186 17.95 -6.74 11.15
CA ASN A 186 18.72 -6.96 12.36
C ASN A 186 18.00 -6.48 13.61
N GLU A 187 16.72 -6.12 13.47
CA GLU A 187 15.93 -5.67 14.60
C GLU A 187 15.68 -6.89 15.49
N PRO A 188 15.44 -6.68 16.79
CA PRO A 188 15.20 -7.79 17.70
C PRO A 188 13.84 -8.47 17.48
N ASP A 189 12.89 -7.73 16.93
CA ASP A 189 11.56 -8.27 16.70
C ASP A 189 11.52 -9.33 15.59
N PRO A 190 11.06 -10.54 15.93
CA PRO A 190 10.97 -11.69 15.01
C PRO A 190 10.14 -11.42 13.74
N THR A 191 8.99 -10.80 13.90
CA THR A 191 8.13 -10.51 12.76
C THR A 191 8.77 -9.49 11.83
N VAL A 192 9.30 -8.42 12.40
CA VAL A 192 9.96 -7.39 11.59
C VAL A 192 11.10 -8.04 10.80
N ARG A 193 11.85 -8.91 11.46
CA ARG A 193 12.95 -9.61 10.80
C ARG A 193 12.45 -10.46 9.64
N ASP A 194 11.40 -11.26 9.89
CA ASP A 194 10.85 -12.11 8.83
C ASP A 194 10.35 -11.28 7.65
N SER A 195 9.66 -10.19 7.96
CA SER A 195 9.13 -9.32 6.91
C SER A 195 10.27 -8.71 6.10
N SER A 196 11.33 -8.29 6.78
CA SER A 196 12.48 -7.71 6.10
C SER A 196 13.14 -8.75 5.21
N ALA A 197 13.22 -9.99 5.69
CA ALA A 197 13.83 -11.06 4.91
C ALA A 197 13.00 -11.31 3.65
N GLU A 198 11.68 -11.26 3.78
CA GLU A 198 10.80 -11.48 2.64
C GLU A 198 10.99 -10.41 1.58
N ALA A 199 11.13 -9.16 2.02
CA ALA A 199 11.33 -8.04 1.11
C ALA A 199 12.69 -8.17 0.40
N LEU A 200 13.71 -8.51 1.18
CA LEU A 200 15.06 -8.67 0.64
C LEU A 200 15.12 -9.81 -0.37
N GLY A 201 14.47 -10.92 -0.04
CA GLY A 201 14.47 -12.06 -0.95
C GLY A 201 13.76 -11.72 -2.25
N THR A 202 12.67 -10.97 -2.15
CA THR A 202 11.92 -10.60 -3.34
C THR A 202 12.78 -9.65 -4.17
N LEU A 203 13.52 -8.77 -3.50
CA LEU A 203 14.38 -7.83 -4.18
C LEU A 203 15.43 -8.57 -5.01
N ILE A 204 15.99 -9.65 -4.46
CA ILE A 204 17.00 -10.44 -5.17
C ILE A 204 16.34 -11.14 -6.35
N LYS A 205 15.14 -11.67 -6.13
CA LYS A 205 14.38 -12.34 -7.17
C LYS A 205 14.21 -11.42 -8.38
N LEU A 206 13.93 -10.15 -8.11
CA LEU A 206 13.71 -9.18 -9.17
C LEU A 206 14.97 -8.59 -9.81
N GLY A 208 18.26 -9.75 -9.29
CA GLY A 208 19.34 -10.70 -9.53
C GLY A 208 20.37 -10.75 -8.42
N ASP A 209 20.91 -11.93 -8.17
CA ASP A 209 21.90 -12.15 -7.12
C ASP A 209 23.14 -11.26 -7.24
N LYS A 210 23.70 -11.19 -8.45
CA LYS A 210 24.91 -10.40 -8.68
C LYS A 210 24.76 -8.93 -8.33
N ALA A 211 23.58 -8.37 -8.62
CA ALA A 211 23.35 -6.96 -8.34
C ALA A 211 23.16 -6.67 -6.85
N VAL A 212 22.39 -7.51 -6.16
CA VAL A 212 22.11 -7.28 -4.75
C VAL A 212 23.11 -7.88 -3.74
N THR A 213 23.63 -9.07 -4.05
CA THR A 213 24.58 -9.75 -3.17
C THR A 213 25.61 -8.85 -2.51
N PRO A 214 26.35 -8.06 -3.30
CA PRO A 214 27.36 -7.18 -2.73
C PRO A 214 26.85 -6.37 -1.54
N LEU A 215 25.60 -5.93 -1.61
CA LEU A 215 25.03 -5.13 -0.54
C LEU A 215 24.69 -5.94 0.72
N LEU A 216 24.73 -7.26 0.63
CA LEU A 216 24.41 -8.11 1.77
C LEU A 216 25.63 -8.85 2.31
N ALA A 217 26.81 -8.37 1.93
CA ALA A 217 28.06 -9.00 2.35
C ALA A 217 28.20 -9.13 3.88
N ASP A 218 27.61 -8.21 4.63
CA ASP A 218 27.72 -8.28 6.09
C ASP A 218 26.54 -8.92 6.81
N VAL A 219 25.57 -9.45 6.07
CA VAL A 219 24.43 -10.11 6.68
C VAL A 219 24.90 -11.49 7.16
N ASP A 220 24.60 -11.84 8.41
CA ASP A 220 25.05 -13.14 8.90
C ASP A 220 24.36 -14.31 8.22
N PRO A 221 25.03 -15.48 8.22
CA PRO A 221 24.55 -16.73 7.61
C PRO A 221 23.11 -17.16 7.88
N LEU A 222 22.66 -17.03 9.12
CA LEU A 222 21.29 -17.42 9.45
C LEU A 222 20.28 -16.55 8.71
N LYS A 223 20.51 -15.24 8.75
CA LYS A 223 19.63 -14.30 8.08
C LYS A 223 19.65 -14.51 6.56
N ALA A 225 20.02 -17.17 5.04
CA ALA A 225 19.22 -18.37 4.76
C ALA A 225 17.74 -18.01 4.67
N LYS A 226 17.28 -17.17 5.60
CA LYS A 226 15.88 -16.74 5.60
C LYS A 226 15.59 -16.00 4.30
N ILE A 227 16.49 -15.11 3.93
CA ILE A 227 16.36 -14.32 2.71
C ILE A 227 16.28 -15.24 1.48
N LYS A 228 17.19 -16.21 1.40
CA LYS A 228 17.18 -17.12 0.26
C LYS A 228 15.90 -17.96 0.20
N GLU A 229 15.38 -18.34 1.36
CA GLU A 229 14.14 -19.11 1.38
C GLU A 229 13.06 -18.26 0.73
N CYS A 230 12.93 -17.02 1.20
CA CYS A 230 11.94 -16.11 0.68
C CYS A 230 12.20 -15.86 -0.81
N GLN A 231 13.47 -15.72 -1.18
CA GLN A 231 13.81 -15.50 -2.57
C GLN A 231 13.22 -16.60 -3.44
N GLU A 232 13.34 -17.84 -2.98
CA GLU A 232 12.84 -18.99 -3.72
C GLU A 232 11.34 -18.93 -3.96
N LYS A 233 10.60 -18.55 -2.92
CA LYS A 233 9.15 -18.48 -2.98
C LYS A 233 8.59 -17.23 -3.65
N ALA A 234 9.40 -16.18 -3.75
CA ALA A 234 8.95 -14.94 -4.37
C ALA A 234 8.58 -15.17 -5.84
N GLU A 235 7.48 -14.56 -6.26
CA GLU A 235 7.02 -14.68 -7.65
C GLU A 235 6.92 -13.29 -8.28
N ILE A 236 7.78 -13.01 -9.24
CA ILE A 236 7.75 -11.72 -9.92
C ILE A 236 6.66 -11.78 -10.98
N LYS A 237 5.56 -11.08 -10.71
CA LYS A 237 4.41 -11.07 -11.60
C LYS A 237 4.52 -10.17 -12.83
N ILE A 238 5.62 -9.45 -12.98
CA ILE A 238 5.76 -8.57 -14.13
C ILE A 238 6.63 -9.13 -15.25
N LYS A 239 6.70 -8.38 -16.35
CA LYS A 239 7.51 -8.74 -17.51
C LYS A 239 8.51 -7.63 -17.75
N VAL A 240 9.79 -7.96 -17.69
CA VAL A 240 10.85 -6.97 -17.90
C VAL A 240 10.74 -6.30 -19.26
N ALA A 241 11.43 -6.86 -20.26
CA ALA A 241 11.43 -6.32 -21.62
C ALA A 241 12.22 -5.02 -21.68
#